data_2F90
#
_entry.id   2F90
#
_cell.length_a   48.351
_cell.length_b   71.652
_cell.length_c   158.772
_cell.angle_alpha   90.00
_cell.angle_beta   90.00
_cell.angle_gamma   90.00
#
_symmetry.space_group_name_H-M   'P 21 21 21'
#
loop_
_entity.id
_entity.type
_entity.pdbx_description
1 polymer 'Bisphosphoglycerate mutase'
2 non-polymer 'TETRAFLUOROALUMINATE ION'
3 non-polymer '3-PHOSPHOGLYCERIC ACID'
4 water water
#
_entity_poly.entity_id   1
_entity_poly.type   'polypeptide(L)'
_entity_poly.pdbx_seq_one_letter_code
;MSKYKLIMLRHGEGAWNKENRFCSWVDQKLNSEGMEEARNCGKQLKALNFEFDLVFTSVLNRSIHTAWLILEELGQEWVP
VESSWRLNERHYGALIGLNREQMALNHGEEQVRLWRRSYNVTPPPIEESHPYYQEIYNDRRYKVCDVPLDQLPRSESLKD
VLERLLPYWNERIAPEVLRGKTILISAHGNSSRALLKHLEGISDEDIINITLPTGVPILLELDENLRAVGPHQFLGDQEA
IQAAIKKVEDQGKVKQAKKLEHHHHHH
;
_entity_poly.pdbx_strand_id   A,B
#
# COMPACT_ATOMS: atom_id res chain seq x y z
N LYS A 3 16.11 -15.45 -18.66
CA LYS A 3 17.17 -14.89 -17.78
C LYS A 3 16.56 -14.08 -16.63
N TYR A 4 15.65 -13.18 -16.96
CA TYR A 4 14.97 -12.38 -15.96
C TYR A 4 13.47 -12.55 -16.18
N LYS A 5 12.69 -12.49 -15.11
CA LYS A 5 11.24 -12.61 -15.25
C LYS A 5 10.55 -11.58 -14.40
N LEU A 6 9.44 -11.05 -14.91
CA LEU A 6 8.67 -10.07 -14.17
C LEU A 6 7.18 -10.35 -14.38
N ILE A 7 6.36 -9.85 -13.46
CA ILE A 7 4.92 -10.02 -13.55
C ILE A 7 4.29 -8.67 -13.83
N MET A 8 3.33 -8.66 -14.75
CA MET A 8 2.62 -7.46 -15.15
C MET A 8 1.15 -7.87 -15.20
N LEU A 9 0.24 -6.92 -14.97
CA LEU A 9 -1.17 -7.26 -15.05
C LEU A 9 -2.06 -6.03 -15.13
N ARG A 10 -3.26 -6.27 -15.65
CA ARG A 10 -4.27 -5.24 -15.79
C ARG A 10 -5.07 -5.34 -14.49
N HIS A 11 -5.46 -4.19 -13.94
CA HIS A 11 -6.23 -4.14 -12.71
C HIS A 11 -7.46 -5.03 -12.77
N GLY A 12 -7.93 -5.45 -11.60
CA GLY A 12 -9.12 -6.28 -11.55
C GLY A 12 -10.32 -5.48 -12.01
N GLU A 13 -11.37 -6.17 -12.41
CA GLU A 13 -12.59 -5.54 -12.89
C GLU A 13 -13.12 -4.42 -11.99
N GLY A 14 -13.59 -3.36 -12.63
CA GLY A 14 -14.16 -2.24 -11.92
C GLY A 14 -15.57 -2.07 -12.43
N ALA A 15 -16.37 -1.23 -11.76
CA ALA A 15 -17.75 -1.01 -12.17
C ALA A 15 -17.90 -0.61 -13.64
N TRP A 16 -17.01 0.26 -14.11
CA TRP A 16 -17.07 0.73 -15.49
C TRP A 16 -16.77 -0.38 -16.51
N ASN A 17 -15.98 -1.37 -16.10
CA ASN A 17 -15.68 -2.50 -16.98
C ASN A 17 -16.95 -3.32 -17.13
N LYS A 18 -17.67 -3.47 -16.03
CA LYS A 18 -18.92 -4.23 -16.04
C LYS A 18 -20.00 -3.49 -16.85
N GLU A 19 -20.07 -2.17 -16.66
CA GLU A 19 -21.06 -1.34 -17.36
C GLU A 19 -20.65 -1.01 -18.80
N ASN A 20 -19.42 -1.37 -19.15
CA ASN A 20 -18.86 -1.16 -20.49
C ASN A 20 -18.70 0.30 -20.90
N ARG A 21 -18.11 1.10 -20.02
CA ARG A 21 -17.87 2.52 -20.30
C ARG A 21 -16.38 2.81 -20.19
N PHE A 22 -15.84 3.57 -21.14
CA PHE A 22 -14.42 3.94 -21.10
C PHE A 22 -14.20 4.67 -19.78
N CYS A 23 -13.23 4.23 -19.00
CA CYS A 23 -12.92 4.81 -17.70
C CYS A 23 -11.65 5.67 -17.72
N SER A 24 -10.58 5.11 -18.22
CA SER A 24 -9.33 5.85 -18.33
C SER A 24 -8.90 6.53 -17.02
N TRP A 25 -8.66 7.84 -17.08
CA TRP A 25 -8.21 8.57 -15.89
C TRP A 25 -9.24 8.78 -14.76
N VAL A 26 -10.50 8.40 -14.98
CA VAL A 26 -11.49 8.53 -13.92
C VAL A 26 -11.01 7.50 -12.90
N ASP A 27 -10.91 7.91 -11.63
CA ASP A 27 -10.42 7.04 -10.56
C ASP A 27 -11.39 6.03 -9.98
N GLN A 28 -11.98 5.18 -10.82
CA GLN A 28 -12.93 4.17 -10.35
C GLN A 28 -12.28 3.13 -9.45
N LYS A 29 -13.04 2.59 -8.51
CA LYS A 29 -12.52 1.57 -7.61
C LYS A 29 -12.85 0.19 -8.17
N LEU A 30 -12.26 -0.85 -7.59
CA LEU A 30 -12.51 -2.21 -8.03
C LEU A 30 -13.91 -2.55 -7.51
N ASN A 31 -14.61 -3.47 -8.18
CA ASN A 31 -15.91 -3.88 -7.67
C ASN A 31 -15.66 -5.25 -7.03
N SER A 32 -16.69 -5.88 -6.50
CA SER A 32 -16.52 -7.19 -5.85
C SER A 32 -15.79 -8.18 -6.75
N GLU A 33 -16.21 -8.28 -8.01
CA GLU A 33 -15.57 -9.21 -8.94
C GLU A 33 -14.08 -8.92 -9.12
N GLY A 34 -13.75 -7.63 -9.23
CA GLY A 34 -12.37 -7.25 -9.43
C GLY A 34 -11.48 -7.56 -8.24
N MET A 35 -12.03 -7.40 -7.04
CA MET A 35 -11.27 -7.69 -5.82
C MET A 35 -10.98 -9.18 -5.80
N GLU A 36 -11.95 -9.98 -6.23
CA GLU A 36 -11.77 -11.42 -6.26
C GLU A 36 -10.71 -11.78 -7.30
N GLU A 37 -10.73 -11.09 -8.43
CA GLU A 37 -9.75 -11.36 -9.48
C GLU A 37 -8.35 -11.07 -8.94
N ALA A 38 -8.22 -9.96 -8.22
CA ALA A 38 -6.94 -9.57 -7.67
C ALA A 38 -6.47 -10.61 -6.65
N ARG A 39 -7.38 -11.04 -5.78
CA ARG A 39 -7.02 -12.05 -4.78
C ARG A 39 -6.63 -13.36 -5.45
N ASN A 40 -7.27 -13.67 -6.59
CA ASN A 40 -6.94 -14.90 -7.29
C ASN A 40 -5.53 -14.81 -7.88
N CYS A 41 -5.17 -13.61 -8.35
CA CYS A 41 -3.84 -13.40 -8.89
C CYS A 41 -2.83 -13.65 -7.78
N GLY A 42 -3.14 -13.14 -6.59
CA GLY A 42 -2.27 -13.33 -5.45
C GLY A 42 -2.07 -14.79 -5.11
N LYS A 43 -3.15 -15.56 -5.13
CA LYS A 43 -3.09 -16.99 -4.81
C LYS A 43 -2.26 -17.73 -5.85
N GLN A 44 -2.40 -17.38 -7.11
CA GLN A 44 -1.62 -18.04 -8.15
C GLN A 44 -0.14 -17.75 -7.96
N LEU A 45 0.19 -16.50 -7.67
CA LEU A 45 1.58 -16.12 -7.47
C LEU A 45 2.19 -16.78 -6.24
N LYS A 46 1.39 -17.00 -5.20
CA LYS A 46 1.88 -17.65 -4.00
C LYS A 46 2.18 -19.12 -4.30
N ALA A 47 1.30 -19.75 -5.08
CA ALA A 47 1.49 -21.14 -5.47
C ALA A 47 2.80 -21.30 -6.21
N LEU A 48 3.24 -20.24 -6.88
CA LEU A 48 4.49 -20.28 -7.64
C LEU A 48 5.67 -19.78 -6.83
N ASN A 49 5.46 -19.55 -5.53
CA ASN A 49 6.52 -19.11 -4.63
C ASN A 49 7.10 -17.74 -4.95
N PHE A 50 6.34 -16.87 -5.60
CA PHE A 50 6.85 -15.55 -5.91
C PHE A 50 7.18 -14.74 -4.66
N GLU A 51 8.34 -14.10 -4.69
CA GLU A 51 8.79 -13.26 -3.59
C GLU A 51 9.23 -11.94 -4.21
N PHE A 52 8.30 -10.99 -4.27
CA PHE A 52 8.58 -9.69 -4.85
C PHE A 52 9.50 -8.83 -4.00
N ASP A 53 10.33 -8.04 -4.67
CA ASP A 53 11.27 -7.16 -4.00
C ASP A 53 10.79 -5.72 -4.14
N LEU A 54 10.03 -5.45 -5.19
CA LEU A 54 9.50 -4.12 -5.45
C LEU A 54 8.23 -4.19 -6.28
N VAL A 55 7.32 -3.26 -6.03
CA VAL A 55 6.06 -3.18 -6.75
C VAL A 55 5.85 -1.79 -7.35
N PHE A 56 5.43 -1.75 -8.62
CA PHE A 56 5.18 -0.47 -9.30
C PHE A 56 3.71 -0.42 -9.73
N THR A 57 3.08 0.73 -9.53
CA THR A 57 1.67 0.90 -9.90
C THR A 57 1.47 2.31 -10.48
N SER A 58 0.25 2.59 -10.92
CA SER A 58 -0.05 3.93 -11.44
C SER A 58 -0.60 4.70 -10.24
N VAL A 59 -1.10 5.92 -10.44
CA VAL A 59 -1.66 6.67 -9.31
C VAL A 59 -3.18 6.51 -9.25
N LEU A 60 -3.70 5.63 -10.09
CA LEU A 60 -5.13 5.35 -10.11
C LEU A 60 -5.31 4.25 -9.07
N ASN A 61 -6.19 4.46 -8.11
CA ASN A 61 -6.36 3.50 -7.03
C ASN A 61 -6.69 2.06 -7.38
N ARG A 62 -7.28 1.83 -8.55
CA ARG A 62 -7.60 0.45 -8.89
C ARG A 62 -6.36 -0.40 -9.14
N SER A 63 -5.25 0.23 -9.56
CA SER A 63 -4.03 -0.54 -9.78
C SER A 63 -3.35 -0.75 -8.44
N ILE A 64 -3.51 0.23 -7.56
CA ILE A 64 -2.92 0.17 -6.23
C ILE A 64 -3.62 -0.89 -5.39
N HIS A 65 -4.95 -0.85 -5.35
CA HIS A 65 -5.71 -1.83 -4.60
C HIS A 65 -5.47 -3.25 -5.13
N THR A 66 -5.29 -3.38 -6.43
CA THR A 66 -5.03 -4.70 -7.02
C THR A 66 -3.71 -5.22 -6.44
N ALA A 67 -2.71 -4.35 -6.40
CA ALA A 67 -1.40 -4.71 -5.86
C ALA A 67 -1.47 -5.04 -4.37
N TRP A 68 -2.19 -4.21 -3.60
CA TRP A 68 -2.34 -4.44 -2.15
C TRP A 68 -2.98 -5.80 -1.87
N LEU A 69 -3.99 -6.15 -2.65
CA LEU A 69 -4.67 -7.42 -2.46
C LEU A 69 -3.72 -8.57 -2.79
N ILE A 70 -2.93 -8.40 -3.84
CA ILE A 70 -1.95 -9.41 -4.23
C ILE A 70 -0.93 -9.59 -3.11
N LEU A 71 -0.42 -8.48 -2.58
CA LEU A 71 0.57 -8.55 -1.51
C LEU A 71 0.01 -9.20 -0.24
N GLU A 72 -1.26 -8.95 0.06
CA GLU A 72 -1.83 -9.56 1.26
C GLU A 72 -1.92 -11.07 1.08
N GLU A 73 -2.33 -11.52 -0.10
CA GLU A 73 -2.43 -12.96 -0.36
C GLU A 73 -1.06 -13.62 -0.21
N LEU A 74 -0.01 -12.88 -0.56
CA LEU A 74 1.36 -13.37 -0.47
C LEU A 74 2.00 -13.18 0.89
N GLY A 75 1.39 -12.35 1.73
CA GLY A 75 1.96 -12.09 3.05
C GLY A 75 3.18 -11.20 2.85
N GLN A 76 3.15 -10.41 1.78
CA GLN A 76 4.26 -9.53 1.45
C GLN A 76 3.91 -8.04 1.49
N GLU A 77 3.00 -7.65 2.37
CA GLU A 77 2.59 -6.26 2.48
C GLU A 77 3.74 -5.30 2.75
N TRP A 78 4.86 -5.82 3.23
CA TRP A 78 6.02 -4.99 3.54
C TRP A 78 6.86 -4.63 2.31
N VAL A 79 6.62 -5.28 1.18
CA VAL A 79 7.39 -5.00 -0.02
C VAL A 79 7.15 -3.57 -0.52
N PRO A 80 8.23 -2.82 -0.78
CA PRO A 80 8.14 -1.44 -1.24
C PRO A 80 7.26 -1.24 -2.47
N VAL A 81 6.43 -0.22 -2.44
CA VAL A 81 5.55 0.11 -3.55
C VAL A 81 5.85 1.53 -4.02
N GLU A 82 5.88 1.71 -5.32
CA GLU A 82 6.10 3.04 -5.89
C GLU A 82 5.00 3.23 -6.91
N SER A 83 4.38 4.42 -6.90
CA SER A 83 3.30 4.70 -7.81
C SER A 83 3.64 5.93 -8.65
N SER A 84 3.31 5.86 -9.94
CA SER A 84 3.60 6.97 -10.85
C SER A 84 2.50 7.15 -11.90
N TRP A 85 2.26 8.40 -12.28
CA TRP A 85 1.24 8.69 -13.29
C TRP A 85 1.69 8.11 -14.61
N ARG A 86 2.99 7.84 -14.75
CA ARG A 86 3.52 7.30 -16.00
C ARG A 86 3.07 5.87 -16.27
N LEU A 87 2.40 5.25 -15.31
CA LEU A 87 1.87 3.89 -15.49
C LEU A 87 0.34 3.99 -15.60
N ASN A 88 -0.18 5.21 -15.52
CA ASN A 88 -1.62 5.45 -15.62
C ASN A 88 -2.13 4.86 -16.92
N GLU A 89 -3.41 4.51 -16.95
CA GLU A 89 -4.02 3.97 -18.15
C GLU A 89 -3.98 5.04 -19.24
N ARG A 90 -4.08 4.62 -20.50
CA ARG A 90 -4.08 5.57 -21.61
C ARG A 90 -5.24 6.55 -21.41
N HIS A 91 -5.00 7.82 -21.74
CA HIS A 91 -6.03 8.84 -21.57
C HIS A 91 -6.99 8.82 -22.78
N TYR A 92 -8.22 8.36 -22.53
CA TYR A 92 -9.24 8.28 -23.58
C TYR A 92 -9.89 9.60 -23.95
N GLY A 93 -9.40 10.69 -23.39
CA GLY A 93 -9.95 12.01 -23.71
C GLY A 93 -11.47 12.12 -23.59
N ALA A 94 -12.08 12.73 -24.61
CA ALA A 94 -13.52 12.94 -24.62
C ALA A 94 -14.35 11.65 -24.59
N LEU A 95 -13.73 10.53 -24.94
CA LEU A 95 -14.43 9.24 -24.94
C LEU A 95 -14.70 8.74 -23.53
N ILE A 96 -14.01 9.32 -22.56
CA ILE A 96 -14.18 8.93 -21.16
C ILE A 96 -15.66 9.04 -20.74
N GLY A 97 -16.16 7.99 -20.10
CA GLY A 97 -17.54 7.98 -19.65
C GLY A 97 -18.54 7.42 -20.64
N LEU A 98 -18.15 7.34 -21.91
CA LEU A 98 -19.04 6.84 -22.94
C LEU A 98 -19.04 5.31 -23.03
N ASN A 99 -20.18 4.75 -23.40
CA ASN A 99 -20.35 3.30 -23.53
C ASN A 99 -19.71 2.79 -24.82
N ARG A 100 -18.86 1.77 -24.69
CA ARG A 100 -18.14 1.21 -25.83
C ARG A 100 -19.05 0.71 -26.93
N GLU A 101 -20.06 -0.08 -26.57
CA GLU A 101 -20.96 -0.60 -27.58
C GLU A 101 -21.74 0.53 -28.27
N GLN A 102 -22.09 1.55 -27.50
CA GLN A 102 -22.81 2.69 -28.06
C GLN A 102 -21.91 3.38 -29.09
N MET A 103 -20.62 3.45 -28.81
CA MET A 103 -19.70 4.09 -29.75
C MET A 103 -19.60 3.25 -31.02
N ALA A 104 -19.70 1.94 -30.87
CA ALA A 104 -19.64 1.02 -32.01
C ALA A 104 -20.88 1.25 -32.86
N LEU A 105 -22.00 1.49 -32.20
CA LEU A 105 -23.25 1.74 -32.91
C LEU A 105 -23.22 3.09 -33.63
N ASN A 106 -22.73 4.12 -32.95
CA ASN A 106 -22.67 5.46 -33.54
C ASN A 106 -21.57 5.68 -34.57
N HIS A 107 -20.42 5.05 -34.36
CA HIS A 107 -19.31 5.25 -35.29
C HIS A 107 -18.81 4.01 -36.03
N GLY A 108 -19.36 2.84 -35.72
CA GLY A 108 -18.93 1.63 -36.40
C GLY A 108 -17.85 0.87 -35.65
N GLU A 109 -17.82 -0.44 -35.83
CA GLU A 109 -16.83 -1.29 -35.16
C GLU A 109 -15.40 -1.00 -35.55
N GLU A 110 -15.16 -0.78 -36.83
CA GLU A 110 -13.81 -0.50 -37.34
C GLU A 110 -13.17 0.70 -36.65
N GLN A 111 -13.88 1.81 -36.56
CA GLN A 111 -13.36 3.02 -35.93
C GLN A 111 -13.08 2.80 -34.44
N VAL A 112 -14.02 2.15 -33.75
CA VAL A 112 -13.86 1.90 -32.32
C VAL A 112 -12.62 1.03 -32.10
N ARG A 113 -12.41 0.06 -32.98
CA ARG A 113 -11.25 -0.81 -32.88
C ARG A 113 -9.99 0.05 -33.00
N LEU A 114 -10.00 1.02 -33.91
CA LEU A 114 -8.84 1.89 -34.06
C LEU A 114 -8.63 2.67 -32.76
N TRP A 115 -9.70 3.27 -32.25
CA TRP A 115 -9.62 4.05 -31.01
C TRP A 115 -9.07 3.23 -29.84
N ARG A 116 -9.54 2.00 -29.70
CA ARG A 116 -9.13 1.15 -28.60
C ARG A 116 -7.78 0.45 -28.70
N ARG A 117 -7.45 -0.07 -29.88
CA ARG A 117 -6.23 -0.85 -30.04
C ARG A 117 -5.11 -0.38 -30.97
N SER A 118 -5.41 0.56 -31.87
CA SER A 118 -4.38 1.04 -32.79
C SER A 118 -3.27 1.73 -32.03
N TYR A 119 -2.13 1.91 -32.67
CA TYR A 119 -0.97 2.53 -32.06
C TYR A 119 -0.97 4.05 -32.22
N ASN A 120 -1.29 4.53 -33.41
CA ASN A 120 -1.25 5.97 -33.69
C ASN A 120 -2.51 6.82 -33.57
N VAL A 121 -3.69 6.21 -33.61
CA VAL A 121 -4.90 7.00 -33.53
C VAL A 121 -5.11 7.63 -32.15
N THR A 122 -5.39 8.93 -32.16
CA THR A 122 -5.58 9.69 -30.93
C THR A 122 -7.03 10.01 -30.66
N PRO A 123 -7.51 9.72 -29.44
CA PRO A 123 -8.90 9.99 -29.05
C PRO A 123 -9.14 11.51 -29.03
N PRO A 124 -10.41 11.93 -29.18
CA PRO A 124 -10.67 13.38 -29.14
C PRO A 124 -10.23 13.86 -27.76
N PRO A 125 -9.61 15.05 -27.69
CA PRO A 125 -9.17 15.54 -26.38
C PRO A 125 -10.33 15.84 -25.43
N ILE A 126 -10.13 15.61 -24.14
CA ILE A 126 -11.16 15.90 -23.17
C ILE A 126 -11.14 17.41 -22.94
N GLU A 127 -12.31 18.01 -22.80
CA GLU A 127 -12.39 19.44 -22.59
C GLU A 127 -13.02 19.77 -21.25
N GLU A 128 -12.82 21.01 -20.81
CA GLU A 128 -13.35 21.46 -19.53
C GLU A 128 -14.85 21.25 -19.37
N SER A 129 -15.58 21.23 -20.48
CA SER A 129 -17.03 21.04 -20.43
C SER A 129 -17.41 19.58 -20.18
N HIS A 130 -16.45 18.67 -20.37
CA HIS A 130 -16.69 17.24 -20.17
C HIS A 130 -17.05 16.96 -18.71
N PRO A 131 -18.08 16.15 -18.48
CA PRO A 131 -18.52 15.82 -17.12
C PRO A 131 -17.47 15.26 -16.15
N TYR A 132 -16.37 14.72 -16.67
CA TYR A 132 -15.34 14.18 -15.78
C TYR A 132 -14.04 14.98 -15.77
N TYR A 133 -14.01 16.10 -16.50
CA TYR A 133 -12.80 16.92 -16.54
C TYR A 133 -12.32 17.39 -15.18
N GLN A 134 -13.19 18.06 -14.43
CA GLN A 134 -12.82 18.59 -13.14
C GLN A 134 -12.27 17.61 -12.11
N GLU A 135 -12.95 16.50 -11.88
CA GLU A 135 -12.48 15.56 -10.89
C GLU A 135 -11.14 14.93 -11.24
N ILE A 136 -10.73 15.03 -12.51
CA ILE A 136 -9.44 14.49 -12.91
C ILE A 136 -8.32 15.50 -12.68
N TYR A 137 -8.41 16.66 -13.33
CA TYR A 137 -7.35 17.65 -13.21
C TYR A 137 -7.27 18.48 -11.92
N ASN A 138 -8.27 18.35 -11.05
CA ASN A 138 -8.24 19.09 -9.79
C ASN A 138 -7.73 18.20 -8.65
N ASP A 139 -7.52 16.92 -8.94
CA ASP A 139 -7.04 15.99 -7.93
C ASP A 139 -5.60 16.30 -7.55
N ARG A 140 -5.32 16.31 -6.25
CA ARG A 140 -3.99 16.61 -5.74
C ARG A 140 -2.86 15.69 -6.24
N ARG A 141 -3.18 14.45 -6.58
CA ARG A 141 -2.16 13.52 -7.06
C ARG A 141 -1.45 14.03 -8.31
N TYR A 142 -2.14 14.85 -9.11
CA TYR A 142 -1.55 15.38 -10.33
C TYR A 142 -0.86 16.72 -10.14
N LYS A 143 -0.79 17.19 -8.89
CA LYS A 143 -0.13 18.45 -8.61
C LYS A 143 1.28 18.17 -8.09
N VAL A 144 1.57 16.88 -7.91
CA VAL A 144 2.87 16.45 -7.41
C VAL A 144 3.55 15.47 -8.36
N CYS A 145 3.28 15.61 -9.66
CA CYS A 145 3.89 14.75 -10.67
C CYS A 145 5.17 15.39 -11.17
N ASP A 146 5.95 14.65 -11.96
CA ASP A 146 7.20 15.18 -12.50
C ASP A 146 6.92 16.06 -13.71
N VAL A 147 5.64 16.32 -13.95
CA VAL A 147 5.20 17.15 -15.07
C VAL A 147 4.11 18.09 -14.57
N PRO A 148 4.19 19.38 -14.95
CA PRO A 148 3.20 20.37 -14.53
C PRO A 148 1.78 19.95 -14.90
N LEU A 149 0.82 20.30 -14.04
CA LEU A 149 -0.59 19.97 -14.26
C LEU A 149 -1.06 20.36 -15.65
N ASP A 150 -0.66 21.53 -16.12
CA ASP A 150 -1.06 22.02 -17.43
C ASP A 150 -0.42 21.23 -18.57
N GLN A 151 0.67 20.52 -18.29
CA GLN A 151 1.35 19.75 -19.33
C GLN A 151 0.91 18.29 -19.40
N LEU A 152 0.05 17.88 -18.47
CA LEU A 152 -0.45 16.50 -18.49
C LEU A 152 -1.34 16.33 -19.72
N PRO A 153 -1.36 15.12 -20.29
CA PRO A 153 -2.18 14.86 -21.49
C PRO A 153 -3.69 15.02 -21.29
N ARG A 154 -4.37 15.39 -22.38
CA ARG A 154 -5.81 15.56 -22.37
C ARG A 154 -6.42 14.41 -23.19
N SER A 155 -5.53 13.66 -23.85
CA SER A 155 -5.89 12.48 -24.65
C SER A 155 -4.59 11.83 -25.10
N GLU A 156 -4.62 10.52 -25.36
CA GLU A 156 -3.41 9.82 -25.78
C GLU A 156 -3.60 8.63 -26.72
N SER A 157 -2.73 8.53 -27.70
CA SER A 157 -2.75 7.40 -28.62
C SER A 157 -1.88 6.40 -27.88
N LEU A 158 -1.90 5.13 -28.26
CA LEU A 158 -1.07 4.15 -27.57
C LEU A 158 0.40 4.61 -27.67
N LYS A 159 0.73 5.26 -28.78
CA LYS A 159 2.07 5.76 -29.00
C LYS A 159 2.44 6.83 -27.97
N ASP A 160 1.51 7.75 -27.69
CA ASP A 160 1.75 8.80 -26.71
C ASP A 160 2.02 8.14 -25.36
N VAL A 161 1.25 7.10 -25.05
CA VAL A 161 1.41 6.40 -23.79
C VAL A 161 2.83 5.85 -23.61
N LEU A 162 3.31 5.12 -24.62
CA LEU A 162 4.65 4.56 -24.54
C LEU A 162 5.68 5.66 -24.36
N GLU A 163 5.50 6.77 -25.07
CA GLU A 163 6.43 7.89 -24.97
C GLU A 163 6.58 8.42 -23.55
N ARG A 164 5.51 8.37 -22.76
CA ARG A 164 5.62 8.86 -21.38
C ARG A 164 5.84 7.73 -20.37
N LEU A 165 5.67 6.49 -20.83
CA LEU A 165 5.86 5.33 -19.96
C LEU A 165 7.28 4.78 -20.09
N LEU A 166 7.82 4.82 -21.31
CA LEU A 166 9.17 4.31 -21.56
C LEU A 166 10.24 4.86 -20.62
N PRO A 167 10.27 6.20 -20.43
CA PRO A 167 11.28 6.80 -19.54
C PRO A 167 11.22 6.23 -18.13
N TYR A 168 10.00 6.00 -17.63
CA TYR A 168 9.80 5.47 -16.29
C TYR A 168 10.34 4.04 -16.20
N TRP A 169 10.07 3.25 -17.24
CA TRP A 169 10.56 1.88 -17.28
C TRP A 169 12.09 1.86 -17.32
N ASN A 170 12.65 2.58 -18.28
CA ASN A 170 14.10 2.67 -18.45
C ASN A 170 14.83 3.13 -17.19
N GLU A 171 14.35 4.22 -16.62
CA GLU A 171 14.98 4.83 -15.45
C GLU A 171 14.70 4.26 -14.07
N ARG A 172 13.51 3.68 -13.86
CA ARG A 172 13.17 3.15 -12.53
C ARG A 172 12.86 1.67 -12.36
N ILE A 173 12.37 1.01 -13.40
CA ILE A 173 12.06 -0.41 -13.26
C ILE A 173 13.16 -1.30 -13.85
N ALA A 174 13.52 -1.03 -15.10
CA ALA A 174 14.55 -1.80 -15.79
C ALA A 174 15.82 -2.02 -14.95
N PRO A 175 16.32 -0.96 -14.28
CA PRO A 175 17.54 -1.14 -13.47
C PRO A 175 17.39 -2.22 -12.41
N GLU A 176 16.21 -2.29 -11.79
CA GLU A 176 15.96 -3.29 -10.76
C GLU A 176 15.90 -4.70 -11.36
N VAL A 177 15.33 -4.81 -12.55
CA VAL A 177 15.24 -6.11 -13.20
C VAL A 177 16.65 -6.62 -13.51
N LEU A 178 17.52 -5.72 -13.97
CA LEU A 178 18.89 -6.09 -14.30
C LEU A 178 19.68 -6.48 -13.06
N ARG A 179 19.19 -6.05 -11.89
CA ARG A 179 19.85 -6.38 -10.63
C ARG A 179 19.34 -7.72 -10.11
N GLY A 180 18.43 -8.33 -10.87
CA GLY A 180 17.89 -9.62 -10.49
C GLY A 180 16.69 -9.55 -9.56
N LYS A 181 16.16 -8.35 -9.36
CA LYS A 181 14.99 -8.17 -8.50
C LYS A 181 13.74 -8.72 -9.17
N THR A 182 12.83 -9.27 -8.37
CA THR A 182 11.59 -9.82 -8.89
C THR A 182 10.56 -8.69 -8.80
N ILE A 183 10.13 -8.20 -9.94
CA ILE A 183 9.21 -7.07 -10.00
C ILE A 183 7.77 -7.39 -10.40
N LEU A 184 6.85 -6.63 -9.84
CA LEU A 184 5.44 -6.75 -10.15
C LEU A 184 4.98 -5.37 -10.65
N ILE A 185 4.40 -5.32 -11.84
CA ILE A 185 3.91 -4.08 -12.39
C ILE A 185 2.37 -4.18 -12.43
N SER A 186 1.72 -3.50 -11.49
CA SER A 186 0.26 -3.49 -11.40
C SER A 186 -0.20 -2.25 -12.16
N ALA A 187 -0.65 -2.46 -13.39
CA ALA A 187 -1.07 -1.33 -14.21
C ALA A 187 -2.44 -1.44 -14.84
N HIS A 188 -2.54 -1.01 -16.10
CA HIS A 188 -3.81 -1.00 -16.81
C HIS A 188 -3.76 -1.68 -18.18
N GLY A 189 -4.93 -1.83 -18.79
CA GLY A 189 -5.03 -2.47 -20.07
C GLY A 189 -4.12 -1.92 -21.17
N ASN A 190 -4.24 -0.63 -21.44
CA ASN A 190 -3.43 -0.04 -22.49
C ASN A 190 -2.01 0.37 -22.11
N SER A 191 -1.78 0.75 -20.85
CA SER A 191 -0.42 1.10 -20.45
C SER A 191 0.41 -0.19 -20.47
N SER A 192 -0.24 -1.32 -20.18
CA SER A 192 0.45 -2.61 -20.20
C SER A 192 0.72 -2.98 -21.65
N ARG A 193 -0.28 -2.79 -22.52
CA ARG A 193 -0.10 -3.10 -23.93
C ARG A 193 1.08 -2.29 -24.48
N ALA A 194 1.20 -1.05 -24.02
CA ALA A 194 2.29 -0.18 -24.47
C ALA A 194 3.65 -0.79 -24.10
N LEU A 195 3.80 -1.21 -22.86
CA LEU A 195 5.07 -1.80 -22.41
C LEU A 195 5.35 -3.11 -23.14
N LEU A 196 4.33 -3.94 -23.29
CA LEU A 196 4.50 -5.21 -23.99
C LEU A 196 4.96 -4.99 -25.43
N LYS A 197 4.42 -3.97 -26.08
CA LYS A 197 4.79 -3.67 -27.46
C LYS A 197 6.30 -3.42 -27.53
N HIS A 198 6.79 -2.61 -26.60
CA HIS A 198 8.21 -2.26 -26.52
C HIS A 198 9.08 -3.47 -26.19
N LEU A 199 8.78 -4.16 -25.10
CA LEU A 199 9.55 -5.32 -24.67
C LEU A 199 9.58 -6.49 -25.63
N GLU A 200 8.45 -6.76 -26.30
CA GLU A 200 8.39 -7.89 -27.24
C GLU A 200 8.68 -7.46 -28.68
N GLY A 201 8.87 -6.16 -28.90
CA GLY A 201 9.14 -5.68 -30.24
C GLY A 201 7.98 -5.91 -31.20
N ILE A 202 6.76 -5.69 -30.72
CA ILE A 202 5.56 -5.87 -31.54
C ILE A 202 5.41 -4.67 -32.50
N SER A 203 5.08 -4.95 -33.75
CA SER A 203 4.94 -3.89 -34.76
C SER A 203 3.74 -2.99 -34.50
N ASP A 204 3.80 -1.79 -35.09
CA ASP A 204 2.72 -0.83 -34.93
C ASP A 204 1.43 -1.47 -35.43
N GLU A 205 1.57 -2.28 -36.48
CA GLU A 205 0.44 -2.96 -37.09
C GLU A 205 -0.13 -4.06 -36.19
N ASP A 206 0.73 -4.96 -35.74
CA ASP A 206 0.31 -6.10 -34.92
C ASP A 206 -0.21 -5.82 -33.51
N ILE A 207 0.23 -4.73 -32.89
CA ILE A 207 -0.22 -4.45 -31.53
C ILE A 207 -1.74 -4.32 -31.43
N ILE A 208 -2.38 -3.93 -32.53
CA ILE A 208 -3.85 -3.76 -32.53
C ILE A 208 -4.58 -5.06 -32.19
N ASN A 209 -3.94 -6.20 -32.43
CA ASN A 209 -4.56 -7.49 -32.14
C ASN A 209 -4.31 -8.02 -30.73
N ILE A 210 -3.57 -7.27 -29.93
CA ILE A 210 -3.29 -7.70 -28.56
C ILE A 210 -4.27 -7.10 -27.57
N THR A 211 -5.00 -7.97 -26.89
CA THR A 211 -5.97 -7.57 -25.88
C THR A 211 -5.67 -8.27 -24.55
N LEU A 212 -5.67 -7.49 -23.46
CA LEU A 212 -5.40 -8.06 -22.14
C LEU A 212 -6.67 -8.07 -21.29
N PRO A 213 -6.95 -9.20 -20.62
CA PRO A 213 -8.13 -9.33 -19.77
C PRO A 213 -7.79 -8.77 -18.39
N THR A 214 -8.82 -8.38 -17.63
CA THR A 214 -8.59 -7.83 -16.30
C THR A 214 -8.17 -8.91 -15.30
N GLY A 215 -7.34 -8.51 -14.36
CA GLY A 215 -6.89 -9.42 -13.31
C GLY A 215 -6.29 -10.76 -13.68
N VAL A 216 -5.42 -10.78 -14.68
CA VAL A 216 -4.77 -12.02 -15.07
C VAL A 216 -3.26 -11.75 -15.10
N PRO A 217 -2.48 -12.51 -14.32
CA PRO A 217 -1.04 -12.33 -14.27
C PRO A 217 -0.41 -12.56 -15.64
N ILE A 218 0.49 -11.67 -16.04
CA ILE A 218 1.16 -11.81 -17.31
C ILE A 218 2.65 -12.04 -17.03
N LEU A 219 3.13 -13.23 -17.37
CA LEU A 219 4.54 -13.56 -17.14
C LEU A 219 5.35 -13.19 -18.38
N LEU A 220 6.48 -12.53 -18.15
CA LEU A 220 7.34 -12.14 -19.26
C LEU A 220 8.80 -12.40 -18.92
N GLU A 221 9.51 -12.99 -19.87
CA GLU A 221 10.92 -13.27 -19.67
C GLU A 221 11.73 -12.34 -20.56
N LEU A 222 12.73 -11.70 -19.98
CA LEU A 222 13.58 -10.78 -20.72
C LEU A 222 15.00 -11.32 -20.75
N ASP A 223 15.74 -11.00 -21.81
CA ASP A 223 17.12 -11.45 -21.94
C ASP A 223 18.06 -10.41 -21.34
N GLU A 224 19.37 -10.64 -21.49
CA GLU A 224 20.37 -9.72 -20.96
C GLU A 224 20.24 -8.28 -21.48
N ASN A 225 19.53 -8.13 -22.59
CA ASN A 225 19.34 -6.80 -23.17
C ASN A 225 17.96 -6.24 -22.81
N LEU A 226 17.29 -6.92 -21.88
CA LEU A 226 15.97 -6.52 -21.43
C LEU A 226 14.91 -6.55 -22.50
N ARG A 227 15.01 -7.52 -23.40
CA ARG A 227 14.05 -7.71 -24.47
C ARG A 227 13.44 -9.09 -24.27
N ALA A 228 12.15 -9.21 -24.58
CA ALA A 228 11.43 -10.46 -24.41
C ALA A 228 12.05 -11.65 -25.14
N VAL A 229 12.15 -12.77 -24.43
CA VAL A 229 12.71 -13.99 -25.00
C VAL A 229 11.64 -14.66 -25.86
N GLY A 230 10.38 -14.49 -25.47
CA GLY A 230 9.28 -15.07 -26.22
C GLY A 230 8.05 -14.22 -25.94
N PRO A 231 6.88 -14.53 -26.52
CA PRO A 231 5.69 -13.71 -26.25
C PRO A 231 5.29 -13.77 -24.78
N HIS A 232 4.48 -12.81 -24.34
CA HIS A 232 4.02 -12.80 -22.96
C HIS A 232 3.08 -13.99 -22.76
N GLN A 233 3.01 -14.51 -21.53
CA GLN A 233 2.14 -15.64 -21.24
C GLN A 233 1.17 -15.31 -20.12
N PHE A 234 -0.09 -15.71 -20.27
CA PHE A 234 -1.09 -15.46 -19.24
C PHE A 234 -1.12 -16.65 -18.29
N LEU A 235 -1.07 -16.39 -16.98
CA LEU A 235 -1.10 -17.47 -16.01
C LEU A 235 -2.53 -17.86 -15.65
N GLY A 236 -2.85 -19.14 -15.78
CA GLY A 236 -4.18 -19.62 -15.46
C GLY A 236 -4.78 -20.50 -16.54
N ASP A 237 -6.08 -20.79 -16.40
CA ASP A 237 -6.78 -21.62 -17.37
C ASP A 237 -6.87 -20.87 -18.70
N GLN A 238 -6.20 -21.39 -19.72
CA GLN A 238 -6.18 -20.74 -21.03
C GLN A 238 -7.55 -20.52 -21.67
N GLU A 239 -8.49 -21.44 -21.43
CA GLU A 239 -9.83 -21.28 -22.01
C GLU A 239 -10.57 -20.13 -21.33
N ALA A 240 -10.43 -20.03 -20.02
CA ALA A 240 -11.09 -18.95 -19.29
C ALA A 240 -10.44 -17.61 -19.63
N ILE A 241 -9.14 -17.63 -19.88
CA ILE A 241 -8.42 -16.42 -20.24
C ILE A 241 -8.82 -15.98 -21.64
N GLN A 242 -8.95 -16.94 -22.55
CA GLN A 242 -9.36 -16.63 -23.91
C GLN A 242 -10.79 -16.09 -23.93
N ALA A 243 -11.64 -16.68 -23.09
CA ALA A 243 -13.03 -16.24 -23.00
C ALA A 243 -13.09 -14.80 -22.51
N ALA A 244 -12.25 -14.45 -21.54
CA ALA A 244 -12.21 -13.10 -21.00
C ALA A 244 -11.72 -12.12 -22.07
N ILE A 245 -10.74 -12.53 -22.86
CA ILE A 245 -10.19 -11.70 -23.93
C ILE A 245 -11.28 -11.44 -24.97
N LYS A 246 -12.05 -12.48 -25.30
CA LYS A 246 -13.11 -12.34 -26.28
C LYS A 246 -14.15 -11.35 -25.76
N LYS A 247 -14.41 -11.42 -24.46
CA LYS A 247 -15.37 -10.52 -23.82
C LYS A 247 -14.92 -9.07 -23.98
N VAL A 248 -13.62 -8.83 -23.84
CA VAL A 248 -13.09 -7.47 -24.00
C VAL A 248 -13.24 -6.99 -25.43
N GLU A 249 -12.94 -7.86 -26.38
CA GLU A 249 -13.05 -7.52 -27.79
C GLU A 249 -14.51 -7.25 -28.15
N ASP A 250 -15.42 -8.04 -27.58
CA ASP A 250 -16.85 -7.89 -27.86
C ASP A 250 -17.48 -6.62 -27.27
N GLN A 251 -16.78 -5.95 -26.34
CA GLN A 251 -17.31 -4.73 -25.75
C GLN A 251 -17.43 -3.65 -26.83
N GLY A 252 -16.65 -3.81 -27.90
CA GLY A 252 -16.68 -2.83 -28.97
C GLY A 252 -17.39 -3.31 -30.21
N LYS A 253 -18.23 -4.34 -30.05
CA LYS A 253 -18.96 -4.89 -31.18
C LYS A 253 -20.46 -4.79 -31.04
N VAL A 254 -21.12 -4.68 -32.19
CA VAL A 254 -22.57 -4.61 -32.26
C VAL A 254 -23.09 -6.01 -31.99
N LYS A 255 -24.19 -6.11 -31.23
CA LYS A 255 -24.77 -7.41 -30.93
C LYS A 255 -25.27 -8.07 -32.22
N GLN A 256 -24.72 -9.24 -32.52
CA GLN A 256 -25.11 -9.96 -33.73
C GLN A 256 -26.00 -11.15 -33.37
N LYS B 3 4.39 25.27 14.22
CA LYS B 3 5.07 25.34 12.90
C LYS B 3 4.81 24.08 12.07
N TYR B 4 4.80 22.92 12.72
CA TYR B 4 4.54 21.67 12.01
C TYR B 4 3.54 20.81 12.77
N LYS B 5 2.94 19.86 12.07
CA LYS B 5 2.01 18.93 12.69
C LYS B 5 2.13 17.57 12.00
N LEU B 6 2.02 16.51 12.78
CA LEU B 6 2.11 15.17 12.23
C LEU B 6 1.11 14.26 12.94
N ILE B 7 0.69 13.20 12.25
CA ILE B 7 -0.25 12.26 12.82
C ILE B 7 0.47 10.94 13.08
N MET B 8 0.22 10.38 14.25
CA MET B 8 0.82 9.13 14.66
C MET B 8 -0.33 8.29 15.21
N LEU B 9 -0.21 6.97 15.16
CA LEU B 9 -1.25 6.13 15.73
C LEU B 9 -0.82 4.68 15.90
N ARG B 10 -1.53 4.01 16.80
CA ARG B 10 -1.32 2.61 17.09
C ARG B 10 -2.25 1.90 16.14
N HIS B 11 -1.80 0.77 15.60
CA HIS B 11 -2.59 0.00 14.66
C HIS B 11 -3.97 -0.35 15.20
N GLY B 12 -4.92 -0.58 14.30
CA GLY B 12 -6.25 -0.96 14.72
C GLY B 12 -6.19 -2.33 15.40
N GLU B 13 -7.23 -2.65 16.16
CA GLU B 13 -7.27 -3.93 16.87
C GLU B 13 -6.93 -5.16 16.01
N GLY B 14 -6.15 -6.06 16.57
CA GLY B 14 -5.77 -7.29 15.89
C GLY B 14 -6.30 -8.47 16.69
N ALA B 15 -6.30 -9.66 16.11
CA ALA B 15 -6.81 -10.85 16.79
C ALA B 15 -6.21 -11.05 18.19
N TRP B 16 -4.91 -10.82 18.31
CA TRP B 16 -4.24 -11.01 19.59
C TRP B 16 -4.61 -9.94 20.61
N ASN B 17 -5.08 -8.79 20.15
CA ASN B 17 -5.50 -7.74 21.08
C ASN B 17 -6.80 -8.24 21.71
N LYS B 18 -7.66 -8.81 20.86
CA LYS B 18 -8.95 -9.32 21.32
C LYS B 18 -8.74 -10.50 22.26
N GLU B 19 -7.83 -11.39 21.89
CA GLU B 19 -7.52 -12.58 22.71
C GLU B 19 -6.64 -12.25 23.91
N ASN B 20 -6.17 -11.01 23.98
CA ASN B 20 -5.33 -10.53 25.06
C ASN B 20 -4.01 -11.27 25.24
N ARG B 21 -3.27 -11.45 24.15
CA ARG B 21 -1.98 -12.11 24.16
C ARG B 21 -0.91 -11.16 23.63
N PHE B 22 0.26 -11.14 24.26
CA PHE B 22 1.37 -10.29 23.80
C PHE B 22 1.68 -10.74 22.37
N CYS B 23 1.63 -9.80 21.42
CA CYS B 23 1.88 -10.12 20.02
C CYS B 23 3.27 -9.71 19.55
N SER B 24 3.63 -8.45 19.76
CA SER B 24 4.95 -7.96 19.41
C SER B 24 5.35 -8.24 17.96
N TRP B 25 6.51 -8.87 17.75
CA TRP B 25 6.96 -9.15 16.38
C TRP B 25 6.19 -10.22 15.60
N VAL B 26 5.24 -10.89 16.24
CA VAL B 26 4.45 -11.88 15.53
C VAL B 26 3.56 -11.07 14.58
N ASP B 27 3.56 -11.44 13.31
CA ASP B 27 2.82 -10.72 12.27
C ASP B 27 1.31 -10.94 12.21
N GLN B 28 0.62 -10.81 13.34
CA GLN B 28 -0.82 -11.01 13.36
C GLN B 28 -1.54 -9.87 12.62
N LYS B 29 -2.68 -10.20 12.04
CA LYS B 29 -3.47 -9.22 11.28
C LYS B 29 -4.53 -8.50 12.09
N LEU B 30 -5.09 -7.46 11.49
CA LEU B 30 -6.19 -6.71 12.12
C LEU B 30 -7.37 -7.65 12.06
N ASN B 31 -8.33 -7.50 12.96
CA ASN B 31 -9.53 -8.31 12.91
C ASN B 31 -10.61 -7.36 12.38
N SER B 32 -11.86 -7.81 12.29
CA SER B 32 -12.91 -6.93 11.78
C SER B 32 -13.02 -5.62 12.57
N GLU B 33 -12.95 -5.71 13.89
CA GLU B 33 -13.04 -4.52 14.72
C GLU B 33 -11.91 -3.53 14.40
N GLY B 34 -10.70 -4.06 14.24
CA GLY B 34 -9.55 -3.23 13.93
C GLY B 34 -9.63 -2.55 12.58
N MET B 35 -10.23 -3.22 11.60
CA MET B 35 -10.36 -2.63 10.28
C MET B 35 -11.33 -1.46 10.38
N GLU B 36 -12.35 -1.61 11.21
CA GLU B 36 -13.33 -0.56 11.41
C GLU B 36 -12.67 0.62 12.13
N GLU B 37 -11.81 0.32 13.10
CA GLU B 37 -11.13 1.38 13.84
C GLU B 37 -10.25 2.17 12.87
N ALA B 38 -9.56 1.45 11.99
CA ALA B 38 -8.70 2.10 11.00
C ALA B 38 -9.51 2.98 10.06
N ARG B 39 -10.65 2.47 9.61
CA ARG B 39 -11.51 3.22 8.72
C ARG B 39 -12.08 4.47 9.41
N ASN B 40 -12.40 4.34 10.69
CA ASN B 40 -12.91 5.50 11.43
C ASN B 40 -11.82 6.54 11.58
N CYS B 41 -10.57 6.08 11.64
CA CYS B 41 -9.42 6.97 11.74
C CYS B 41 -9.35 7.78 10.45
N GLY B 42 -9.47 7.06 9.34
CA GLY B 42 -9.42 7.71 8.03
C GLY B 42 -10.53 8.74 7.89
N LYS B 43 -11.72 8.37 8.32
CA LYS B 43 -12.86 9.27 8.25
C LYS B 43 -12.65 10.51 9.11
N GLN B 44 -12.06 10.32 10.30
CA GLN B 44 -11.82 11.43 11.21
C GLN B 44 -10.78 12.36 10.62
N LEU B 45 -9.73 11.78 10.05
CA LEU B 45 -8.67 12.56 9.44
C LEU B 45 -9.22 13.30 8.21
N LYS B 46 -10.15 12.67 7.51
CA LYS B 46 -10.75 13.30 6.34
C LYS B 46 -11.57 14.52 6.78
N ALA B 47 -12.33 14.35 7.87
CA ALA B 47 -13.17 15.43 8.40
C ALA B 47 -12.32 16.64 8.78
N LEU B 48 -11.04 16.39 9.04
CA LEU B 48 -10.12 17.45 9.42
C LEU B 48 -9.28 17.96 8.25
N ASN B 49 -9.63 17.50 7.06
CA ASN B 49 -8.97 17.89 5.82
C ASN B 49 -7.50 17.49 5.71
N PHE B 50 -7.09 16.42 6.38
CA PHE B 50 -5.70 16.00 6.29
C PHE B 50 -5.30 15.55 4.91
N GLU B 51 -4.17 16.04 4.44
CA GLU B 51 -3.63 15.69 3.13
C GLU B 51 -2.18 15.27 3.33
N PHE B 52 -1.98 13.96 3.50
CA PHE B 52 -0.65 13.43 3.75
C PHE B 52 0.25 13.48 2.52
N ASP B 53 1.53 13.70 2.77
CA ASP B 53 2.54 13.76 1.72
C ASP B 53 3.40 12.50 1.75
N LEU B 54 3.51 11.90 2.93
CA LEU B 54 4.29 10.68 3.12
C LEU B 54 3.78 9.87 4.31
N VAL B 55 3.85 8.56 4.18
CA VAL B 55 3.41 7.65 5.24
C VAL B 55 4.54 6.71 5.65
N PHE B 56 4.73 6.53 6.95
CA PHE B 56 5.75 5.62 7.44
C PHE B 56 5.09 4.54 8.29
N THR B 57 5.52 3.29 8.11
CA THR B 57 4.98 2.17 8.88
C THR B 57 6.12 1.22 9.26
N SER B 58 5.79 0.16 9.97
CA SER B 58 6.78 -0.85 10.37
C SER B 58 6.67 -1.92 9.28
N VAL B 59 7.35 -3.04 9.45
CA VAL B 59 7.23 -4.11 8.45
C VAL B 59 6.21 -5.16 8.89
N LEU B 60 5.48 -4.87 9.98
CA LEU B 60 4.44 -5.77 10.48
C LEU B 60 3.17 -5.36 9.73
N ASN B 61 2.51 -6.33 9.09
CA ASN B 61 1.35 -6.01 8.29
C ASN B 61 0.19 -5.28 8.95
N ARG B 62 0.02 -5.40 10.26
CA ARG B 62 -1.08 -4.69 10.90
C ARG B 62 -0.92 -3.17 10.86
N SER B 63 0.32 -2.68 10.83
CA SER B 63 0.51 -1.24 10.76
C SER B 63 0.32 -0.79 9.32
N ILE B 64 0.69 -1.66 8.38
CA ILE B 64 0.57 -1.36 6.96
C ILE B 64 -0.90 -1.35 6.55
N HIS B 65 -1.65 -2.38 6.95
CA HIS B 65 -3.06 -2.44 6.63
C HIS B 65 -3.82 -1.28 7.26
N THR B 66 -3.41 -0.87 8.46
CA THR B 66 -4.06 0.26 9.12
C THR B 66 -3.89 1.49 8.24
N ALA B 67 -2.66 1.69 7.75
CA ALA B 67 -2.36 2.83 6.88
C ALA B 67 -3.13 2.75 5.56
N TRP B 68 -3.17 1.57 4.96
CA TRP B 68 -3.89 1.39 3.70
C TRP B 68 -5.36 1.74 3.84
N LEU B 69 -5.97 1.30 4.94
CA LEU B 69 -7.37 1.58 5.20
C LEU B 69 -7.58 3.09 5.39
N ILE B 70 -6.66 3.73 6.09
CA ILE B 70 -6.73 5.17 6.30
C ILE B 70 -6.65 5.90 4.95
N LEU B 71 -5.66 5.53 4.13
CA LEU B 71 -5.49 6.16 2.82
C LEU B 71 -6.72 5.96 1.92
N GLU B 72 -7.34 4.79 1.97
CA GLU B 72 -8.51 4.58 1.14
C GLU B 72 -9.65 5.52 1.56
N GLU B 73 -9.88 5.64 2.87
CA GLU B 73 -10.93 6.52 3.36
C GLU B 73 -10.69 7.97 2.92
N LEU B 74 -9.41 8.34 2.79
CA LEU B 74 -9.03 9.68 2.37
C LEU B 74 -8.94 9.85 0.86
N GLY B 75 -8.95 8.74 0.13
CA GLY B 75 -8.83 8.82 -1.32
C GLY B 75 -7.39 9.21 -1.65
N GLN B 76 -6.47 8.79 -0.79
CA GLN B 76 -5.06 9.11 -0.96
C GLN B 76 -4.16 7.87 -1.09
N GLU B 77 -4.67 6.81 -1.72
CA GLU B 77 -3.90 5.59 -1.90
C GLU B 77 -2.59 5.81 -2.65
N TRP B 78 -2.50 6.92 -3.40
CA TRP B 78 -1.31 7.22 -4.18
C TRP B 78 -0.15 7.82 -3.37
N VAL B 79 -0.41 8.20 -2.12
CA VAL B 79 0.63 8.79 -1.28
C VAL B 79 1.72 7.77 -0.97
N PRO B 80 2.99 8.15 -1.18
CA PRO B 80 4.12 7.26 -0.93
C PRO B 80 4.14 6.66 0.47
N VAL B 81 4.45 5.37 0.56
CA VAL B 81 4.56 4.66 1.82
C VAL B 81 5.96 4.06 1.95
N GLU B 82 6.54 4.14 3.14
CA GLU B 82 7.85 3.58 3.42
C GLU B 82 7.73 2.78 4.71
N SER B 83 8.33 1.60 4.74
CA SER B 83 8.24 0.75 5.93
C SER B 83 9.63 0.36 6.47
N SER B 84 9.75 0.28 7.79
CA SER B 84 11.01 -0.07 8.42
C SER B 84 10.83 -0.86 9.71
N TRP B 85 11.76 -1.79 9.97
CA TRP B 85 11.68 -2.59 11.19
C TRP B 85 11.88 -1.68 12.40
N ARG B 86 12.46 -0.50 12.18
CA ARG B 86 12.71 0.42 13.27
C ARG B 86 11.44 1.02 13.87
N LEU B 87 10.30 0.78 13.22
CA LEU B 87 9.02 1.27 13.74
C LEU B 87 8.23 0.07 14.28
N ASN B 88 8.81 -1.12 14.18
CA ASN B 88 8.19 -2.34 14.68
C ASN B 88 7.84 -2.18 16.15
N GLU B 89 6.84 -2.93 16.60
CA GLU B 89 6.44 -2.88 18.00
C GLU B 89 7.59 -3.36 18.87
N ARG B 90 7.58 -2.98 20.15
CA ARG B 90 8.61 -3.42 21.07
C ARG B 90 8.65 -4.95 21.11
N HIS B 91 9.86 -5.51 21.14
CA HIS B 91 10.01 -6.96 21.17
C HIS B 91 9.78 -7.49 22.59
N TYR B 92 8.66 -8.18 22.79
CA TYR B 92 8.32 -8.73 24.10
C TYR B 92 9.06 -10.02 24.48
N GLY B 93 10.00 -10.43 23.64
CA GLY B 93 10.77 -11.62 23.92
C GLY B 93 9.97 -12.86 24.27
N ALA B 94 10.39 -13.56 25.33
CA ALA B 94 9.70 -14.78 25.74
C ALA B 94 8.23 -14.59 26.12
N LEU B 95 7.84 -13.36 26.42
CA LEU B 95 6.46 -13.07 26.80
C LEU B 95 5.49 -13.18 25.63
N ILE B 96 6.04 -13.16 24.42
CA ILE B 96 5.23 -13.26 23.21
C ILE B 96 4.36 -14.50 23.24
N GLY B 97 3.08 -14.32 22.95
CA GLY B 97 2.14 -15.43 22.93
C GLY B 97 1.40 -15.68 24.23
N LEU B 98 1.94 -15.16 25.33
CA LEU B 98 1.33 -15.36 26.63
C LEU B 98 0.17 -14.39 26.90
N ASN B 99 -0.80 -14.84 27.70
CA ASN B 99 -1.98 -14.06 28.04
C ASN B 99 -1.66 -13.06 29.17
N ARG B 100 -1.94 -11.78 28.92
CA ARG B 100 -1.66 -10.72 29.87
C ARG B 100 -2.38 -10.91 31.21
N GLU B 101 -3.69 -11.17 31.15
CA GLU B 101 -4.50 -11.36 32.35
C GLU B 101 -4.08 -12.59 33.13
N GLN B 102 -3.79 -13.68 32.42
CA GLN B 102 -3.36 -14.91 33.07
C GLN B 102 -2.06 -14.61 33.81
N MET B 103 -1.18 -13.85 33.17
CA MET B 103 0.08 -13.49 33.79
C MET B 103 -0.18 -12.68 35.06
N ALA B 104 -1.16 -11.79 35.00
CA ALA B 104 -1.50 -10.98 36.15
C ALA B 104 -2.06 -11.89 37.25
N LEU B 105 -2.81 -12.90 36.84
CA LEU B 105 -3.40 -13.84 37.79
C LEU B 105 -2.29 -14.61 38.50
N ASN B 106 -1.30 -15.05 37.74
CA ASN B 106 -0.19 -15.82 38.27
C ASN B 106 0.91 -15.04 38.99
N HIS B 107 1.23 -13.85 38.50
CA HIS B 107 2.31 -13.08 39.10
C HIS B 107 1.99 -11.72 39.69
N GLY B 108 0.72 -11.32 39.64
CA GLY B 108 0.32 -10.04 40.19
C GLY B 108 0.19 -8.96 39.14
N GLU B 109 -0.85 -8.15 39.23
CA GLU B 109 -1.06 -7.11 38.25
C GLU B 109 0.09 -6.09 38.22
N GLU B 110 0.71 -5.84 39.37
CA GLU B 110 1.84 -4.89 39.43
C GLU B 110 3.01 -5.42 38.61
N GLN B 111 3.20 -6.74 38.63
CA GLN B 111 4.29 -7.36 37.90
C GLN B 111 4.09 -7.21 36.40
N VAL B 112 2.85 -7.42 35.96
CA VAL B 112 2.54 -7.30 34.53
C VAL B 112 2.61 -5.83 34.10
N ARG B 113 2.19 -4.93 34.99
CA ARG B 113 2.24 -3.51 34.70
C ARG B 113 3.69 -3.11 34.48
N LEU B 114 4.59 -3.63 35.32
CA LEU B 114 6.01 -3.34 35.19
C LEU B 114 6.52 -3.78 33.81
N TRP B 115 6.26 -5.03 33.45
CA TRP B 115 6.69 -5.54 32.17
C TRP B 115 6.17 -4.71 30.99
N ARG B 116 4.90 -4.32 31.05
CA ARG B 116 4.27 -3.57 29.97
C ARG B 116 4.66 -2.11 29.76
N ARG B 117 4.69 -1.34 30.84
CA ARG B 117 4.98 0.08 30.74
C ARG B 117 6.34 0.59 31.21
N SER B 118 7.15 -0.27 31.81
CA SER B 118 8.47 0.13 32.28
C SER B 118 9.34 0.65 31.14
N TYR B 119 10.20 1.62 31.45
CA TYR B 119 11.08 2.18 30.44
C TYR B 119 12.36 1.37 30.32
N ASN B 120 12.92 1.00 31.47
CA ASN B 120 14.18 0.27 31.51
C ASN B 120 14.16 -1.25 31.52
N VAL B 121 13.08 -1.86 31.99
CA VAL B 121 13.03 -3.31 32.08
C VAL B 121 12.96 -4.06 30.76
N THR B 122 13.98 -4.89 30.53
CA THR B 122 14.07 -5.68 29.32
C THR B 122 13.49 -7.08 29.57
N PRO B 123 12.47 -7.48 28.79
CA PRO B 123 11.86 -8.79 28.96
C PRO B 123 12.89 -9.90 28.71
N PRO B 124 12.60 -11.13 29.15
CA PRO B 124 13.57 -12.21 28.92
C PRO B 124 13.66 -12.40 27.41
N PRO B 125 14.87 -12.58 26.87
CA PRO B 125 14.98 -12.77 25.42
C PRO B 125 14.24 -13.99 24.92
N ILE B 126 13.64 -13.90 23.75
CA ILE B 126 12.94 -15.06 23.20
C ILE B 126 14.01 -16.04 22.76
N GLU B 127 13.75 -17.33 22.91
CA GLU B 127 14.73 -18.32 22.51
C GLU B 127 14.22 -19.26 21.42
N GLU B 128 15.15 -19.99 20.81
CA GLU B 128 14.81 -20.91 19.73
C GLU B 128 13.74 -21.93 20.11
N SER B 129 13.62 -22.24 21.39
CA SER B 129 12.62 -23.20 21.85
C SER B 129 11.23 -22.59 21.92
N HIS B 130 11.15 -21.26 21.77
CA HIS B 130 9.87 -20.56 21.82
C HIS B 130 9.04 -20.88 20.58
N PRO B 131 7.75 -21.21 20.77
CA PRO B 131 6.85 -21.54 19.64
C PRO B 131 6.76 -20.52 18.51
N TYR B 132 7.07 -19.25 18.79
CA TYR B 132 6.99 -18.23 17.74
C TYR B 132 8.33 -17.69 17.27
N TYR B 133 9.42 -18.35 17.65
CA TYR B 133 10.75 -17.92 17.26
C TYR B 133 10.97 -18.11 15.76
N GLN B 134 10.65 -19.32 15.28
CA GLN B 134 10.84 -19.67 13.89
C GLN B 134 10.18 -18.74 12.88
N GLU B 135 8.86 -18.55 12.98
CA GLU B 135 8.15 -17.71 12.04
C GLU B 135 8.59 -16.24 12.05
N ILE B 136 9.26 -15.82 13.12
CA ILE B 136 9.72 -14.44 13.19
C ILE B 136 11.07 -14.28 12.50
N TYR B 137 12.08 -15.00 12.98
CA TYR B 137 13.41 -14.88 12.41
C TYR B 137 13.67 -15.53 11.06
N ASN B 138 12.74 -16.33 10.57
CA ASN B 138 12.92 -16.96 9.26
C ASN B 138 12.20 -16.18 8.16
N ASP B 139 11.44 -15.16 8.55
CA ASP B 139 10.72 -14.34 7.58
C ASP B 139 11.67 -13.51 6.73
N ARG B 140 11.44 -13.51 5.42
CA ARG B 140 12.28 -12.78 4.48
C ARG B 140 12.40 -11.27 4.73
N ARG B 141 11.39 -10.67 5.36
CA ARG B 141 11.44 -9.23 5.60
C ARG B 141 12.60 -8.84 6.50
N TYR B 142 13.09 -9.77 7.31
CA TYR B 142 14.18 -9.48 8.23
C TYR B 142 15.54 -9.86 7.66
N LYS B 143 15.57 -10.24 6.38
CA LYS B 143 16.82 -10.61 5.74
C LYS B 143 17.27 -9.46 4.84
N VAL B 144 16.42 -8.44 4.75
CA VAL B 144 16.72 -7.27 3.94
C VAL B 144 16.65 -5.99 4.77
N CYS B 145 17.01 -6.09 6.05
CA CYS B 145 17.01 -4.94 6.95
C CYS B 145 18.39 -4.29 6.92
N ASP B 146 18.51 -3.13 7.56
CA ASP B 146 19.78 -2.42 7.61
C ASP B 146 20.66 -3.00 8.71
N VAL B 147 20.20 -4.13 9.27
CA VAL B 147 20.92 -4.82 10.33
C VAL B 147 20.85 -6.32 10.07
N PRO B 148 21.98 -7.04 10.21
CA PRO B 148 22.02 -8.48 9.99
C PRO B 148 20.97 -9.22 10.85
N LEU B 149 20.42 -10.30 10.30
CA LEU B 149 19.41 -11.10 10.98
C LEU B 149 19.83 -11.48 12.40
N ASP B 150 21.10 -11.86 12.55
CA ASP B 150 21.63 -12.27 13.85
C ASP B 150 21.76 -11.10 14.83
N GLN B 151 21.76 -9.88 14.31
CA GLN B 151 21.90 -8.71 15.17
C GLN B 151 20.55 -8.08 15.56
N LEU B 152 19.45 -8.62 15.04
CA LEU B 152 18.13 -8.11 15.39
C LEU B 152 17.87 -8.47 16.85
N PRO B 153 17.12 -7.64 17.58
CA PRO B 153 16.81 -7.92 18.98
C PRO B 153 16.00 -9.19 19.22
N ARG B 154 16.16 -9.75 20.42
CA ARG B 154 15.43 -10.94 20.82
C ARG B 154 14.47 -10.55 21.96
N SER B 155 14.61 -9.29 22.39
CA SER B 155 13.77 -8.69 23.43
C SER B 155 14.19 -7.23 23.56
N GLU B 156 13.27 -6.37 23.99
CA GLU B 156 13.56 -4.94 24.12
C GLU B 156 12.83 -4.20 25.22
N SER B 157 13.54 -3.32 25.91
CA SER B 157 12.94 -2.49 26.94
C SER B 157 12.43 -1.32 26.09
N LEU B 158 11.63 -0.44 26.67
CA LEU B 158 11.15 0.69 25.88
C LEU B 158 12.36 1.54 25.48
N LYS B 159 13.40 1.50 26.31
CA LYS B 159 14.61 2.26 26.04
C LYS B 159 15.32 1.68 24.81
N ASP B 160 15.40 0.36 24.71
CA ASP B 160 16.03 -0.29 23.56
C ASP B 160 15.28 0.11 22.29
N VAL B 161 13.96 0.19 22.39
CA VAL B 161 13.15 0.57 21.24
C VAL B 161 13.50 1.96 20.72
N LEU B 162 13.56 2.93 21.62
CA LEU B 162 13.89 4.29 21.21
C LEU B 162 15.27 4.35 20.56
N GLU B 163 16.21 3.60 21.13
CA GLU B 163 17.57 3.55 20.62
C GLU B 163 17.64 3.09 19.17
N ARG B 164 16.73 2.19 18.76
CA ARG B 164 16.77 1.75 17.37
C ARG B 164 15.75 2.47 16.50
N LEU B 165 14.86 3.23 17.13
CA LEU B 165 13.85 3.98 16.40
C LEU B 165 14.31 5.43 16.13
N LEU B 166 15.02 6.01 17.09
CA LEU B 166 15.49 7.38 16.97
C LEU B 166 16.28 7.65 15.68
N PRO B 167 17.20 6.75 15.31
CA PRO B 167 17.98 6.95 14.09
C PRO B 167 17.11 7.07 12.83
N TYR B 168 16.07 6.25 12.77
CA TYR B 168 15.15 6.27 11.64
C TYR B 168 14.37 7.59 11.61
N TRP B 169 13.97 8.07 12.77
CA TRP B 169 13.24 9.34 12.86
C TRP B 169 14.16 10.49 12.44
N ASN B 170 15.34 10.52 13.02
CA ASN B 170 16.33 11.56 12.74
C ASN B 170 16.73 11.63 11.28
N GLU B 171 17.08 10.48 10.73
CA GLU B 171 17.53 10.39 9.36
C GLU B 171 16.50 10.34 8.25
N ARG B 172 15.36 9.71 8.50
CA ARG B 172 14.35 9.60 7.46
C ARG B 172 13.08 10.42 7.62
N ILE B 173 12.52 10.43 8.82
CA ILE B 173 11.27 11.14 9.03
C ILE B 173 11.42 12.64 9.34
N ALA B 174 12.24 12.96 10.32
CA ALA B 174 12.46 14.35 10.72
C ALA B 174 12.74 15.28 9.55
N PRO B 175 13.64 14.88 8.63
CA PRO B 175 13.95 15.73 7.48
C PRO B 175 12.72 16.12 6.66
N GLU B 176 11.80 15.17 6.48
CA GLU B 176 10.59 15.42 5.72
C GLU B 176 9.67 16.39 6.44
N VAL B 177 9.59 16.26 7.76
CA VAL B 177 8.75 17.16 8.55
C VAL B 177 9.28 18.58 8.42
N LEU B 178 10.60 18.73 8.49
CA LEU B 178 11.22 20.05 8.37
C LEU B 178 10.98 20.68 7.01
N ARG B 179 10.64 19.86 6.02
CA ARG B 179 10.35 20.38 4.68
C ARG B 179 8.91 20.86 4.59
N GLY B 180 8.13 20.59 5.62
CA GLY B 180 6.73 21.00 5.62
C GLY B 180 5.79 19.93 5.12
N LYS B 181 6.31 18.71 4.95
CA LYS B 181 5.49 17.60 4.48
C LYS B 181 4.55 17.14 5.59
N THR B 182 3.36 16.71 5.21
CA THR B 182 2.38 16.22 6.18
C THR B 182 2.57 14.72 6.25
N ILE B 183 3.07 14.26 7.39
CA ILE B 183 3.39 12.85 7.59
C ILE B 183 2.44 12.06 8.49
N LEU B 184 2.27 10.80 8.14
CA LEU B 184 1.44 9.87 8.89
C LEU B 184 2.35 8.73 9.32
N ILE B 185 2.42 8.46 10.61
CA ILE B 185 3.23 7.37 11.12
C ILE B 185 2.28 6.29 11.65
N SER B 186 2.15 5.20 10.90
CA SER B 186 1.28 4.09 11.29
C SER B 186 2.16 3.06 11.98
N ALA B 187 2.13 3.07 13.31
CA ALA B 187 2.97 2.15 14.06
C ALA B 187 2.27 1.29 15.10
N HIS B 188 2.90 1.14 16.26
CA HIS B 188 2.38 0.30 17.32
C HIS B 188 2.29 0.98 18.68
N GLY B 189 1.67 0.30 19.63
CA GLY B 189 1.51 0.85 20.96
C GLY B 189 2.77 1.32 21.64
N ASN B 190 3.77 0.46 21.73
CA ASN B 190 5.01 0.84 22.39
C ASN B 190 6.02 1.58 21.54
N SER B 191 6.06 1.31 20.24
CA SER B 191 7.00 2.04 19.38
C SER B 191 6.52 3.50 19.31
N SER B 192 5.21 3.70 19.37
CA SER B 192 4.66 5.05 19.36
C SER B 192 4.94 5.73 20.70
N ARG B 193 4.82 4.97 21.79
CA ARG B 193 5.09 5.54 23.10
C ARG B 193 6.55 6.00 23.14
N ALA B 194 7.41 5.23 22.48
CA ALA B 194 8.83 5.55 22.43
C ALA B 194 9.07 6.89 21.74
N LEU B 195 8.45 7.08 20.57
CA LEU B 195 8.63 8.31 19.83
C LEU B 195 8.03 9.51 20.58
N LEU B 196 6.86 9.30 21.19
CA LEU B 196 6.22 10.37 21.95
C LEU B 196 7.10 10.82 23.12
N LYS B 197 7.76 9.85 23.77
CA LYS B 197 8.63 10.18 24.91
C LYS B 197 9.72 11.14 24.46
N HIS B 198 10.30 10.85 23.30
CA HIS B 198 11.37 11.65 22.73
C HIS B 198 10.88 13.04 22.30
N LEU B 199 9.82 13.07 21.50
CA LEU B 199 9.27 14.33 21.00
C LEU B 199 8.69 15.27 22.05
N GLU B 200 8.06 14.72 23.09
CA GLU B 200 7.47 15.54 24.13
C GLU B 200 8.40 15.70 25.34
N GLY B 201 9.54 15.05 25.31
CA GLY B 201 10.48 15.15 26.42
C GLY B 201 9.91 14.57 27.70
N ILE B 202 9.22 13.44 27.60
CA ILE B 202 8.63 12.80 28.78
C ILE B 202 9.73 12.07 29.57
N SER B 203 9.70 12.22 30.90
CA SER B 203 10.71 11.60 31.75
C SER B 203 10.62 10.07 31.77
N ASP B 204 11.72 9.43 32.17
CA ASP B 204 11.76 7.99 32.25
C ASP B 204 10.65 7.50 33.18
N GLU B 205 10.28 8.33 34.14
CA GLU B 205 9.23 7.99 35.09
C GLU B 205 7.83 8.15 34.51
N ASP B 206 7.53 9.35 34.00
CA ASP B 206 6.22 9.64 33.43
C ASP B 206 5.77 8.79 32.25
N ILE B 207 6.71 8.33 31.42
CA ILE B 207 6.34 7.53 30.25
C ILE B 207 5.56 6.28 30.63
N ILE B 208 5.82 5.78 31.84
CA ILE B 208 5.16 4.59 32.34
C ILE B 208 3.64 4.73 32.39
N ASN B 209 3.16 5.96 32.60
CA ASN B 209 1.74 6.23 32.70
C ASN B 209 1.04 6.56 31.38
N ILE B 210 1.78 6.48 30.28
CA ILE B 210 1.19 6.77 28.98
C ILE B 210 0.79 5.48 28.27
N THR B 211 -0.51 5.37 27.98
CA THR B 211 -1.08 4.21 27.29
C THR B 211 -1.84 4.68 26.06
N LEU B 212 -1.56 4.07 24.92
CA LEU B 212 -2.23 4.46 23.68
C LEU B 212 -3.26 3.41 23.26
N PRO B 213 -4.47 3.85 22.86
CA PRO B 213 -5.51 2.91 22.43
C PRO B 213 -5.31 2.58 20.96
N THR B 214 -5.87 1.45 20.52
CA THR B 214 -5.72 1.05 19.11
C THR B 214 -6.58 1.92 18.18
N GLY B 215 -6.05 2.14 16.98
CA GLY B 215 -6.76 2.91 15.97
C GLY B 215 -7.28 4.29 16.32
N VAL B 216 -6.50 5.09 17.02
CA VAL B 216 -6.93 6.44 17.36
C VAL B 216 -5.86 7.41 16.88
N PRO B 217 -6.20 8.35 15.98
CA PRO B 217 -5.23 9.32 15.47
C PRO B 217 -4.65 10.19 16.58
N ILE B 218 -3.33 10.33 16.58
CA ILE B 218 -2.65 11.14 17.59
C ILE B 218 -2.02 12.34 16.90
N LEU B 219 -2.46 13.54 17.26
CA LEU B 219 -1.93 14.76 16.66
C LEU B 219 -0.80 15.34 17.50
N LEU B 220 0.32 15.62 16.85
CA LEU B 220 1.47 16.19 17.53
C LEU B 220 1.90 17.48 16.82
N GLU B 221 1.88 18.59 17.54
CA GLU B 221 2.29 19.88 16.98
C GLU B 221 3.74 20.11 17.41
N LEU B 222 4.62 20.35 16.44
CA LEU B 222 6.03 20.55 16.74
C LEU B 222 6.56 21.92 16.36
N ASP B 223 7.68 22.31 16.98
CA ASP B 223 8.31 23.60 16.69
C ASP B 223 9.43 23.42 15.66
N GLU B 224 10.17 24.51 15.40
CA GLU B 224 11.26 24.48 14.43
C GLU B 224 12.35 23.46 14.78
N ASN B 225 12.40 23.08 16.05
CA ASN B 225 13.41 22.11 16.48
C ASN B 225 12.74 20.74 16.62
N LEU B 226 11.55 20.60 16.05
CA LEU B 226 10.79 19.37 16.08
C LEU B 226 10.45 18.92 17.49
N ARG B 227 10.16 19.88 18.36
CA ARG B 227 9.79 19.58 19.74
C ARG B 227 8.31 19.92 19.94
N ALA B 228 7.58 18.98 20.52
CA ALA B 228 6.16 19.14 20.77
C ALA B 228 5.85 20.45 21.49
N VAL B 229 4.84 21.16 21.00
CA VAL B 229 4.42 22.43 21.58
C VAL B 229 3.64 22.14 22.86
N GLY B 230 2.64 21.29 22.74
CA GLY B 230 1.83 20.91 23.89
C GLY B 230 1.79 19.39 23.93
N PRO B 231 1.03 18.79 24.86
CA PRO B 231 0.98 17.33 24.91
C PRO B 231 0.28 16.75 23.67
N HIS B 232 0.54 15.48 23.37
CA HIS B 232 -0.10 14.86 22.21
C HIS B 232 -1.62 14.98 22.35
N GLN B 233 -2.30 15.08 21.22
CA GLN B 233 -3.76 15.23 21.23
C GLN B 233 -4.45 14.10 20.48
N PHE B 234 -5.24 13.30 21.19
CA PHE B 234 -5.98 12.23 20.53
C PHE B 234 -7.14 12.92 19.82
N LEU B 235 -7.34 12.61 18.54
CA LEU B 235 -8.42 13.22 17.77
C LEU B 235 -9.72 12.45 17.84
N GLY B 236 -10.73 13.05 18.47
CA GLY B 236 -12.03 12.40 18.59
C GLY B 236 -12.69 12.68 19.91
N ASP B 237 -13.67 11.85 20.26
CA ASP B 237 -14.39 11.99 21.53
C ASP B 237 -13.49 11.55 22.66
N GLN B 238 -13.14 12.48 23.54
CA GLN B 238 -12.25 12.18 24.65
C GLN B 238 -12.77 11.11 25.61
N GLU B 239 -14.08 11.03 25.77
CA GLU B 239 -14.64 10.02 26.66
C GLU B 239 -14.48 8.63 26.06
N ALA B 240 -14.80 8.51 24.78
CA ALA B 240 -14.69 7.23 24.09
C ALA B 240 -13.22 6.81 24.02
N ILE B 241 -12.35 7.79 23.84
CA ILE B 241 -10.92 7.51 23.76
C ILE B 241 -10.35 7.10 25.11
N GLN B 242 -10.78 7.78 26.17
CA GLN B 242 -10.32 7.44 27.50
C GLN B 242 -10.81 6.05 27.86
N ALA B 243 -12.02 5.73 27.40
CA ALA B 243 -12.59 4.41 27.65
C ALA B 243 -11.72 3.36 26.97
N ALA B 244 -11.27 3.66 25.76
CA ALA B 244 -10.42 2.74 25.01
C ALA B 244 -9.09 2.52 25.72
N ILE B 245 -8.55 3.59 26.29
CA ILE B 245 -7.29 3.51 27.01
C ILE B 245 -7.44 2.65 28.25
N LYS B 246 -8.56 2.82 28.96
CA LYS B 246 -8.81 2.05 30.16
C LYS B 246 -8.92 0.57 29.81
N LYS B 247 -9.50 0.28 28.66
CA LYS B 247 -9.65 -1.10 28.20
C LYS B 247 -8.28 -1.75 28.03
N VAL B 248 -7.32 -0.97 27.54
CA VAL B 248 -5.96 -1.45 27.34
C VAL B 248 -5.32 -1.71 28.70
N GLU B 249 -5.51 -0.78 29.62
CA GLU B 249 -4.96 -0.92 30.96
C GLU B 249 -5.58 -2.11 31.68
N ASP B 250 -6.87 -2.34 31.45
CA ASP B 250 -7.58 -3.44 32.09
C ASP B 250 -7.22 -4.84 31.57
N GLN B 251 -6.51 -4.90 30.44
CA GLN B 251 -6.10 -6.18 29.89
C GLN B 251 -5.13 -6.83 30.86
N GLY B 252 -4.45 -6.00 31.66
CA GLY B 252 -3.48 -6.51 32.60
C GLY B 252 -4.02 -6.68 34.01
N LYS B 253 -5.34 -6.61 34.16
CA LYS B 253 -5.94 -6.77 35.48
C LYS B 253 -6.76 -8.06 35.54
N VAL B 254 -6.88 -8.62 36.75
CA VAL B 254 -7.63 -9.84 36.94
C VAL B 254 -9.12 -9.54 37.08
N LYS B 255 -9.87 -9.85 36.03
CA LYS B 255 -11.33 -9.65 35.95
C LYS B 255 -11.70 -8.98 34.63
#